data_3B8Y
#
_entry.id   3B8Y
#
_cell.length_a   61.150
_cell.length_b   68.680
_cell.length_c   73.360
_cell.angle_alpha   90.00
_cell.angle_beta   113.98
_cell.angle_gamma   90.00
#
_symmetry.space_group_name_H-M   'P 1 21 1'
#
loop_
_entity.id
_entity.type
_entity.pdbx_description
1 polymer 'Endo-pectate lyase'
2 branched 'alpha-D-galactopyranuronic acid-(1-4)-alpha-D-galactopyranuronic acid-(1-4)-alpha-D-galactopyranuronic acid-(1-4)-alpha-D-galactopyranuronic acid'
3 non-polymer 'CALCIUM ION'
4 non-polymer 'ZINC ION'
5 water water
#
_entity_poly.entity_id   1
_entity_poly.type   'polypeptide(L)'
_entity_poly.pdbx_seq_one_letter_code
;MFKYVIPLCALTLAAPSFAAQTTLMLSQKSDVNYLGWSTDESKVARQEVYRGTTSNPDLRERIAVLDAETRTFKDADTNS
GLNYWYWVDVVSENQAQVVSNAVTTAPNAGPLRAAKASSECKPGATFENRTVDCGGVTIGTSCPNDSDKQKPLIILKNAT
VKNLRISASGGADGIHCDSGNCTIENVIWEDICEDAATNNGKTMTIVGGIAHNAKDGYGGKPDKVLQHNSKNSTTVVKGN
FTLTGEHGKLWRSCGDCSNNGGPRFLTVTSATVNGTIDSIAGVNRNYGDVATISGLKIKNYKEGKPPVCEEFKGVVKGQG
STEKYGEKWDTTNCKVSRSGVSKL
;
_entity_poly.pdbx_strand_id   A,B
#
# COMPACT_ATOMS: atom_id res chain seq x y z
N ALA A 20 41.81 7.17 -11.49
CA ALA A 20 40.46 6.79 -10.97
C ALA A 20 39.65 8.04 -10.65
N GLN A 21 38.51 7.83 -10.02
CA GLN A 21 37.62 8.91 -9.62
C GLN A 21 36.75 8.49 -8.45
N THR A 22 36.39 9.47 -7.63
CA THR A 22 35.52 9.24 -6.49
C THR A 22 34.39 10.25 -6.61
N THR A 23 33.16 9.76 -6.61
CA THR A 23 32.02 10.67 -6.69
C THR A 23 31.29 10.62 -5.37
N LEU A 24 31.15 11.79 -4.76
CA LEU A 24 30.52 11.91 -3.46
C LEU A 24 29.17 12.60 -3.49
N MET A 25 28.26 12.09 -2.66
CA MET A 25 26.92 12.66 -2.53
C MET A 25 26.57 12.79 -1.05
N LEU A 26 25.73 13.77 -0.74
CA LEU A 26 25.32 13.99 0.64
C LEU A 26 23.81 13.99 0.83
N SER A 27 23.39 13.42 1.94
CA SER A 27 21.99 13.38 2.32
C SER A 27 21.87 13.84 3.76
N GLN A 28 21.03 14.83 3.98
CA GLN A 28 20.81 15.38 5.31
C GLN A 28 19.47 14.89 5.85
N LYS A 29 19.53 14.05 6.88
CA LYS A 29 18.34 13.47 7.52
C LYS A 29 18.49 13.44 9.03
N SER A 30 17.53 14.04 9.74
CA SER A 30 17.51 14.07 11.20
C SER A 30 18.78 14.60 11.86
N ASP A 31 19.19 15.80 11.44
CA ASP A 31 20.38 16.46 11.99
C ASP A 31 21.66 15.64 11.90
N VAL A 32 21.68 14.69 10.97
CA VAL A 32 22.83 13.84 10.74
C VAL A 32 23.19 13.97 9.26
N ASN A 33 24.49 14.06 8.96
CA ASN A 33 24.91 14.13 7.57
C ASN A 33 25.38 12.77 7.11
N TYR A 34 24.71 12.24 6.08
CA TYR A 34 25.07 10.94 5.51
C TYR A 34 25.83 11.14 4.21
N LEU A 35 27.00 10.51 4.13
CA LEU A 35 27.82 10.60 2.93
C LEU A 35 27.79 9.28 2.19
N GLY A 36 27.65 9.36 0.88
CA GLY A 36 27.62 8.20 0.01
C GLY A 36 28.54 8.50 -1.16
N TRP A 37 29.43 7.56 -1.47
CA TRP A 37 30.35 7.74 -2.57
C TRP A 37 30.64 6.43 -3.27
N SER A 38 31.06 6.54 -4.53
CA SER A 38 31.46 5.39 -5.31
C SER A 38 32.86 5.73 -5.77
N THR A 39 33.67 4.69 -5.97
CA THR A 39 35.03 4.89 -6.44
C THR A 39 35.41 3.72 -7.35
N ASP A 40 36.17 4.01 -8.40
CA ASP A 40 36.63 2.96 -9.30
C ASP A 40 38.10 2.60 -9.05
N GLU A 41 38.61 2.98 -7.88
CA GLU A 41 39.99 2.66 -7.49
C GLU A 41 40.01 1.16 -7.18
N SER A 42 41.06 0.47 -7.62
CA SER A 42 41.17 -0.98 -7.47
C SER A 42 41.68 -1.62 -6.18
N LYS A 43 42.83 -1.18 -5.67
CA LYS A 43 43.36 -1.77 -4.44
C LYS A 43 43.28 -0.78 -3.28
N VAL A 44 42.06 -0.56 -2.79
CA VAL A 44 41.82 0.38 -1.70
C VAL A 44 42.39 -0.13 -0.38
N ALA A 45 43.10 0.75 0.32
CA ALA A 45 43.70 0.43 1.62
C ALA A 45 42.93 1.10 2.74
N ARG A 46 42.50 2.33 2.48
CA ARG A 46 41.75 3.12 3.45
C ARG A 46 41.02 4.29 2.78
N GLN A 47 40.09 4.88 3.51
CA GLN A 47 39.29 5.99 3.02
C GLN A 47 39.19 7.02 4.13
N GLU A 48 39.44 8.29 3.79
CA GLU A 48 39.41 9.34 4.77
C GLU A 48 38.34 10.37 4.46
N VAL A 49 37.62 10.79 5.50
CA VAL A 49 36.58 11.78 5.36
C VAL A 49 37.13 13.10 5.85
N TYR A 50 36.91 14.15 5.07
CA TYR A 50 37.35 15.50 5.42
C TYR A 50 36.16 16.45 5.52
N ARG A 51 36.21 17.35 6.48
CA ARG A 51 35.11 18.29 6.65
C ARG A 51 35.62 19.69 6.93
N GLY A 52 34.90 20.68 6.39
CA GLY A 52 35.28 22.07 6.59
C GLY A 52 34.07 22.95 6.79
N THR A 53 34.29 24.16 7.30
CA THR A 53 33.20 25.10 7.53
C THR A 53 33.11 26.12 6.40
N THR A 54 33.95 25.93 5.38
CA THR A 54 33.96 26.79 4.21
C THR A 54 34.25 25.96 2.97
N SER A 55 34.20 26.60 1.82
CA SER A 55 34.42 25.97 0.53
C SER A 55 35.89 25.58 0.30
N ASN A 56 36.79 26.33 0.94
CA ASN A 56 38.23 26.15 0.81
C ASN A 56 38.77 24.78 1.24
N PRO A 57 39.15 23.94 0.26
CA PRO A 57 39.67 22.59 0.48
C PRO A 57 40.89 22.62 1.39
N ASP A 58 41.68 23.67 1.28
CA ASP A 58 42.89 23.81 2.09
C ASP A 58 42.61 23.95 3.59
N LEU A 59 41.37 24.31 3.92
CA LEU A 59 40.95 24.51 5.30
C LEU A 59 40.22 23.31 5.90
N ARG A 60 40.03 22.27 5.11
CA ARG A 60 39.33 21.07 5.61
C ARG A 60 40.19 20.31 6.58
N GLU A 61 39.56 19.45 7.35
CA GLU A 61 40.27 18.64 8.32
C GLU A 61 39.71 17.23 8.36
N ARG A 62 40.59 16.29 8.66
CA ARG A 62 40.24 14.88 8.74
C ARG A 62 39.39 14.61 9.97
N ILE A 63 38.16 14.20 9.74
CA ILE A 63 37.28 13.89 10.85
C ILE A 63 37.11 12.38 10.97
N ALA A 64 37.74 11.63 10.07
CA ALA A 64 37.65 10.16 10.10
C ALA A 64 38.51 9.42 9.08
N VAL A 65 39.02 8.27 9.51
CA VAL A 65 39.80 7.37 8.67
C VAL A 65 39.03 6.05 8.81
N LEU A 66 38.50 5.59 7.68
CA LEU A 66 37.68 4.38 7.63
C LEU A 66 38.40 3.25 6.93
N ASP A 67 37.80 2.06 6.98
CA ASP A 67 38.36 0.89 6.32
C ASP A 67 38.21 1.01 4.79
N ALA A 68 38.65 -0.02 4.08
CA ALA A 68 38.61 -0.08 2.63
C ALA A 68 37.30 -0.48 1.96
N GLU A 69 36.37 -1.07 2.69
CA GLU A 69 35.12 -1.52 2.11
C GLU A 69 33.92 -0.60 2.16
N THR A 70 33.73 0.13 3.27
CA THR A 70 32.57 1.02 3.37
C THR A 70 32.51 2.04 2.24
N ARG A 71 31.28 2.36 1.83
CA ARG A 71 31.07 3.36 0.79
C ARG A 71 30.13 4.44 1.31
N THR A 72 29.90 4.42 2.63
CA THR A 72 29.03 5.39 3.31
C THR A 72 29.63 5.84 4.64
N PHE A 73 29.18 7.00 5.11
CA PHE A 73 29.65 7.56 6.38
C PHE A 73 28.58 8.42 7.05
N LYS A 74 28.52 8.33 8.37
CA LYS A 74 27.54 9.08 9.14
C LYS A 74 28.24 10.10 10.05
N ASP A 75 27.91 11.38 9.88
CA ASP A 75 28.48 12.45 10.70
C ASP A 75 27.34 13.03 11.52
N ALA A 76 27.32 12.67 12.79
CA ALA A 76 26.29 13.12 13.72
C ALA A 76 26.81 14.24 14.62
N ASP A 77 28.11 14.49 14.56
CA ASP A 77 28.75 15.52 15.37
C ASP A 77 28.84 16.86 14.66
N THR A 78 27.70 17.33 14.16
CA THR A 78 27.64 18.61 13.48
C THR A 78 26.59 19.48 14.14
N ASN A 79 26.83 20.79 14.17
CA ASN A 79 25.85 21.69 14.75
C ASN A 79 25.19 22.48 13.61
N SER A 80 23.86 22.60 13.67
CA SER A 80 23.11 23.32 12.65
C SER A 80 23.46 24.81 12.67
N GLY A 81 22.91 25.56 11.71
CA GLY A 81 23.21 26.97 11.64
C GLY A 81 24.55 27.18 10.96
N LEU A 82 25.35 26.13 10.92
CA LEU A 82 26.66 26.14 10.27
C LEU A 82 26.67 25.24 9.05
N ASN A 83 27.06 25.79 7.91
CA ASN A 83 27.16 25.03 6.68
C ASN A 83 28.44 24.20 6.72
N TYR A 84 28.46 23.10 5.97
CA TYR A 84 29.61 22.21 5.92
C TYR A 84 29.93 21.74 4.51
N TRP A 85 31.22 21.51 4.29
CA TRP A 85 31.72 21.01 3.02
C TRP A 85 32.39 19.68 3.35
N TYR A 86 32.22 18.70 2.48
CA TYR A 86 32.81 17.39 2.70
C TYR A 86 33.55 16.86 1.49
N TRP A 87 34.58 16.08 1.76
CA TRP A 87 35.35 15.42 0.72
C TRP A 87 35.69 14.05 1.28
N VAL A 88 35.88 13.08 0.38
CA VAL A 88 36.27 11.74 0.79
C VAL A 88 37.50 11.39 -0.05
N ASP A 89 38.56 11.00 0.65
CA ASP A 89 39.82 10.63 0.01
C ASP A 89 39.98 9.11 0.02
N VAL A 90 39.97 8.51 -1.16
CA VAL A 90 40.14 7.06 -1.31
C VAL A 90 41.62 6.81 -1.63
N VAL A 91 42.31 6.12 -0.73
CA VAL A 91 43.74 5.83 -0.90
C VAL A 91 43.99 4.37 -1.21
N SER A 92 44.80 4.12 -2.25
CA SER A 92 45.14 2.76 -2.66
C SER A 92 46.34 2.20 -1.87
N GLU A 93 46.70 0.96 -2.15
CA GLU A 93 47.83 0.32 -1.47
C GLU A 93 49.14 1.01 -1.85
N ASN A 94 49.21 1.49 -3.09
CA ASN A 94 50.38 2.21 -3.58
C ASN A 94 50.34 3.64 -3.08
N GLN A 95 49.55 3.87 -2.03
CA GLN A 95 49.40 5.17 -1.39
C GLN A 95 48.91 6.33 -2.27
N ALA A 96 48.33 5.98 -3.42
CA ALA A 96 47.78 6.96 -4.37
C ALA A 96 46.51 7.50 -3.72
N GLN A 97 46.23 8.78 -3.93
CA GLN A 97 45.07 9.40 -3.31
C GLN A 97 44.04 9.94 -4.27
N VAL A 98 42.84 9.35 -4.27
CA VAL A 98 41.77 9.80 -5.16
C VAL A 98 40.66 10.52 -4.37
N VAL A 99 40.79 11.85 -4.30
CA VAL A 99 39.84 12.70 -3.60
C VAL A 99 38.61 12.97 -4.45
N SER A 100 37.44 12.88 -3.82
CA SER A 100 36.18 13.11 -4.50
C SER A 100 35.93 14.59 -4.68
N ASN A 101 34.77 14.89 -5.24
CA ASN A 101 34.30 16.26 -5.42
C ASN A 101 33.80 16.69 -4.04
N ALA A 102 33.56 17.98 -3.90
CA ALA A 102 33.03 18.51 -2.64
C ALA A 102 31.51 18.39 -2.66
N VAL A 103 30.93 18.22 -1.48
CA VAL A 103 29.48 18.19 -1.31
C VAL A 103 29.28 19.10 -0.11
N THR A 104 28.13 19.77 -0.06
CA THR A 104 27.85 20.68 1.03
C THR A 104 26.40 20.65 1.50
N THR A 105 26.15 21.24 2.66
CA THR A 105 24.81 21.34 3.24
C THR A 105 24.13 22.62 2.74
N ALA A 106 24.95 23.57 2.27
CA ALA A 106 24.49 24.85 1.74
C ALA A 106 23.51 24.73 0.57
N SER A 118 24.82 12.58 -15.87
CA SER A 118 24.47 12.83 -17.30
C SER A 118 22.96 12.95 -17.52
N SER A 119 22.60 13.49 -18.67
CA SER A 119 21.20 13.70 -19.07
C SER A 119 20.46 12.38 -19.34
N GLU A 120 21.19 11.27 -19.28
CA GLU A 120 20.61 9.95 -19.52
C GLU A 120 19.77 9.42 -18.35
N CYS A 121 20.05 9.91 -17.15
CA CYS A 121 19.34 9.49 -15.96
C CYS A 121 18.06 10.27 -15.75
N LYS A 122 16.97 9.74 -16.31
CA LYS A 122 15.66 10.37 -16.22
C LYS A 122 14.62 9.29 -15.90
N PRO A 123 13.50 9.67 -15.26
CA PRO A 123 12.48 8.68 -14.92
C PRO A 123 11.99 7.90 -16.14
N GLY A 124 11.92 6.58 -16.00
CA GLY A 124 11.47 5.73 -17.08
C GLY A 124 12.60 5.28 -17.98
N ALA A 125 13.84 5.57 -17.58
CA ALA A 125 15.02 5.18 -18.35
C ALA A 125 15.33 3.68 -18.25
N THR A 126 15.93 3.15 -19.30
CA THR A 126 16.31 1.74 -19.35
C THR A 126 17.73 1.64 -19.84
N PHE A 127 18.61 1.16 -18.96
CA PHE A 127 20.01 1.00 -19.30
C PHE A 127 20.25 -0.49 -19.48
N GLU A 128 21.05 -0.84 -20.49
CA GLU A 128 21.35 -2.24 -20.80
C GLU A 128 22.79 -2.49 -21.22
N ASN A 129 23.41 -3.49 -20.60
CA ASN A 129 24.78 -3.89 -20.91
C ASN A 129 25.86 -2.84 -20.76
N ARG A 130 25.73 -2.01 -19.75
CA ARG A 130 26.70 -0.95 -19.53
C ARG A 130 26.57 -0.34 -18.14
N THR A 131 27.50 0.55 -17.84
CA THR A 131 27.51 1.25 -16.57
C THR A 131 27.17 2.70 -16.84
N VAL A 132 26.17 3.20 -16.13
CA VAL A 132 25.76 4.58 -16.29
C VAL A 132 26.01 5.33 -15.00
N ASP A 133 26.84 6.36 -15.10
CA ASP A 133 27.19 7.21 -13.98
C ASP A 133 26.28 8.42 -14.06
N CYS A 134 25.37 8.53 -13.10
CA CYS A 134 24.42 9.63 -13.06
C CYS A 134 25.00 10.93 -12.49
N GLY A 135 26.29 10.87 -12.13
CA GLY A 135 26.98 12.05 -11.61
C GLY A 135 26.37 12.81 -10.44
N GLY A 136 25.56 12.11 -9.64
CA GLY A 136 24.95 12.74 -8.50
C GLY A 136 23.70 13.57 -8.73
N VAL A 137 23.05 13.44 -9.89
CA VAL A 137 21.83 14.21 -10.13
C VAL A 137 20.62 13.61 -9.42
N THR A 138 19.60 14.43 -9.28
CA THR A 138 18.36 14.04 -8.65
C THR A 138 17.29 13.85 -9.72
N ILE A 139 16.48 12.81 -9.56
CA ILE A 139 15.39 12.53 -10.47
C ILE A 139 14.22 12.05 -9.61
N GLY A 140 13.06 11.97 -10.25
CA GLY A 140 11.86 11.53 -9.59
C GLY A 140 10.65 11.91 -10.42
N THR A 141 9.51 11.30 -10.11
CA THR A 141 8.27 11.59 -10.81
C THR A 141 7.23 12.00 -9.77
N SER A 142 6.60 11.00 -9.18
CA SER A 142 5.59 11.18 -8.17
C SER A 142 5.37 9.81 -7.54
N CYS A 143 4.53 9.76 -6.52
CA CYS A 143 4.24 8.50 -5.85
C CYS A 143 2.74 8.29 -5.91
N PRO A 144 2.28 7.40 -6.81
CA PRO A 144 0.86 7.10 -6.98
C PRO A 144 0.16 6.61 -5.71
N ASN A 145 -1.15 6.78 -5.67
CA ASN A 145 -1.95 6.37 -4.52
C ASN A 145 -2.63 5.01 -4.66
N ASP A 146 -2.66 4.45 -5.87
CA ASP A 146 -3.33 3.17 -6.07
C ASP A 146 -2.54 1.97 -6.58
N SER A 147 -3.23 0.83 -6.56
CA SER A 147 -2.71 -0.47 -7.00
C SER A 147 -1.24 -0.71 -6.64
N LYS A 151 5.34 0.96 -11.45
CA LYS A 151 5.91 2.01 -12.29
C LYS A 151 7.38 2.29 -11.93
N PRO A 152 8.31 1.52 -12.52
CA PRO A 152 9.75 1.65 -12.27
C PRO A 152 10.36 2.98 -12.72
N LEU A 153 11.24 3.50 -11.87
CA LEU A 153 11.93 4.77 -12.13
C LEU A 153 13.10 4.58 -13.09
N ILE A 154 13.76 3.42 -12.97
CA ILE A 154 14.91 3.05 -13.80
C ILE A 154 14.87 1.54 -13.90
N ILE A 155 15.10 1.02 -15.10
CA ILE A 155 15.13 -0.42 -15.30
C ILE A 155 16.55 -0.76 -15.78
N LEU A 156 17.13 -1.77 -15.17
CA LEU A 156 18.47 -2.23 -15.50
C LEU A 156 18.40 -3.64 -16.05
N LYS A 157 19.01 -3.85 -17.21
CA LYS A 157 19.05 -5.16 -17.83
C LYS A 157 20.54 -5.45 -17.98
N ASN A 158 21.07 -6.20 -17.02
CA ASN A 158 22.47 -6.57 -17.00
C ASN A 158 23.32 -5.30 -17.00
N ALA A 159 22.93 -4.35 -16.16
CA ALA A 159 23.59 -3.05 -16.11
C ALA A 159 23.88 -2.51 -14.71
N THR A 160 24.60 -1.41 -14.66
CA THR A 160 24.97 -0.78 -13.40
C THR A 160 24.60 0.70 -13.44
N VAL A 161 24.08 1.21 -12.33
CA VAL A 161 23.77 2.63 -12.24
C VAL A 161 24.47 3.16 -10.99
N LYS A 162 25.05 4.35 -11.08
CA LYS A 162 25.72 4.93 -9.93
C LYS A 162 25.61 6.44 -9.76
N ASN A 163 25.76 6.86 -8.50
CA ASN A 163 25.70 8.25 -8.12
C ASN A 163 24.38 8.87 -8.57
N LEU A 164 23.29 8.36 -7.99
CA LEU A 164 21.96 8.83 -8.31
C LEU A 164 21.15 9.09 -7.05
N ARG A 165 20.37 10.17 -7.09
CA ARG A 165 19.52 10.54 -5.97
C ARG A 165 18.07 10.50 -6.45
N ILE A 166 17.23 9.80 -5.69
CA ILE A 166 15.80 9.68 -5.97
C ILE A 166 15.09 10.64 -4.99
N SER A 167 14.37 11.61 -5.54
CA SER A 167 13.68 12.63 -4.75
C SER A 167 12.70 12.11 -3.70
N ALA A 168 12.40 12.97 -2.74
CA ALA A 168 11.49 12.64 -1.65
C ALA A 168 10.06 12.30 -2.06
N SER A 169 9.57 12.91 -3.13
CA SER A 169 8.21 12.64 -3.57
C SER A 169 8.11 11.78 -4.81
N GLY A 170 9.09 11.91 -5.72
CA GLY A 170 9.07 11.13 -6.94
C GLY A 170 9.79 9.80 -6.93
N GLY A 171 9.44 8.90 -6.01
CA GLY A 171 10.12 7.60 -5.96
C GLY A 171 9.57 6.51 -6.88
N ALA A 172 8.25 6.45 -7.05
CA ALA A 172 7.59 5.43 -7.87
C ALA A 172 7.98 4.04 -7.36
N ASP A 173 8.27 3.10 -8.26
CA ASP A 173 8.65 1.77 -7.79
C ASP A 173 10.16 1.51 -7.84
N GLY A 174 10.93 2.57 -7.61
CA GLY A 174 12.37 2.48 -7.57
C GLY A 174 13.11 1.90 -8.77
N ILE A 175 14.16 1.14 -8.47
CA ILE A 175 15.01 0.54 -9.49
C ILE A 175 14.71 -0.94 -9.70
N HIS A 176 14.50 -1.30 -10.96
CA HIS A 176 14.22 -2.68 -11.30
C HIS A 176 15.33 -3.36 -12.07
N CYS A 177 15.80 -4.49 -11.55
CA CYS A 177 16.82 -5.27 -12.25
C CYS A 177 16.00 -6.36 -12.93
N ASP A 178 15.76 -6.19 -14.23
CA ASP A 178 14.94 -7.12 -14.98
C ASP A 178 15.57 -8.26 -15.73
N SER A 179 16.89 -8.37 -15.64
CA SER A 179 17.63 -9.45 -16.29
C SER A 179 19.11 -9.31 -15.98
N GLY A 180 19.82 -10.42 -16.11
CA GLY A 180 21.25 -10.44 -15.87
C GLY A 180 21.67 -9.95 -14.50
N ASN A 181 22.92 -9.50 -14.43
CA ASN A 181 23.53 -8.98 -13.21
C ASN A 181 23.44 -7.48 -13.21
N CYS A 182 22.85 -6.93 -12.17
CA CYS A 182 22.75 -5.49 -12.05
C CYS A 182 23.41 -5.03 -10.78
N THR A 183 23.99 -3.84 -10.84
CA THR A 183 24.64 -3.23 -9.69
C THR A 183 24.03 -1.85 -9.50
N ILE A 184 23.61 -1.57 -8.27
CA ILE A 184 23.01 -0.29 -7.89
C ILE A 184 24.05 0.26 -6.91
N GLU A 185 24.90 1.13 -7.43
CA GLU A 185 26.03 1.70 -6.68
C GLU A 185 25.88 3.17 -6.29
N ASN A 186 25.98 3.44 -5.00
CA ASN A 186 25.86 4.78 -4.44
C ASN A 186 24.58 5.51 -4.89
N VAL A 187 23.45 4.91 -4.56
CA VAL A 187 22.18 5.51 -4.89
C VAL A 187 21.56 5.96 -3.57
N ILE A 188 21.07 7.20 -3.56
CA ILE A 188 20.45 7.78 -2.38
C ILE A 188 18.93 7.93 -2.56
N TRP A 189 18.16 7.26 -1.72
CA TRP A 189 16.70 7.36 -1.76
C TRP A 189 16.33 8.35 -0.66
N GLU A 190 15.87 9.54 -1.04
CA GLU A 190 15.47 10.56 -0.07
C GLU A 190 14.19 10.12 0.66
N ASP A 191 13.51 9.15 0.08
CA ASP A 191 12.28 8.59 0.62
C ASP A 191 11.93 7.44 -0.30
N ILE A 192 11.32 6.38 0.25
CA ILE A 192 10.93 5.24 -0.56
C ILE A 192 9.42 5.24 -0.73
N CYS A 193 8.97 5.24 -1.98
CA CYS A 193 7.56 5.27 -2.30
C CYS A 193 6.94 3.88 -2.19
N GLU A 194 7.46 2.93 -2.95
CA GLU A 194 6.95 1.55 -2.91
C GLU A 194 8.10 0.57 -2.60
N ASP A 195 8.91 0.27 -3.60
CA ASP A 195 10.05 -0.62 -3.42
C ASP A 195 11.28 0.21 -3.82
N ALA A 196 12.40 0.05 -3.12
CA ALA A 196 13.60 0.79 -3.44
C ALA A 196 14.28 0.18 -4.67
N ALA A 197 14.37 -1.14 -4.67
CA ALA A 197 14.98 -1.87 -5.76
C ALA A 197 14.34 -3.24 -5.77
N THR A 198 14.09 -3.75 -6.97
CA THR A 198 13.47 -5.04 -7.17
C THR A 198 14.34 -5.93 -8.03
N ASN A 199 14.59 -7.12 -7.52
CA ASN A 199 15.41 -8.09 -8.23
C ASN A 199 14.48 -9.01 -9.01
N ASN A 200 14.36 -8.74 -10.32
CA ASN A 200 13.56 -9.56 -11.23
C ASN A 200 14.60 -10.21 -12.17
N GLY A 201 15.86 -10.18 -11.77
CA GLY A 201 16.92 -10.73 -12.60
C GLY A 201 17.69 -11.90 -12.02
N LYS A 202 18.96 -11.99 -12.38
CA LYS A 202 19.83 -13.06 -11.92
C LYS A 202 20.58 -12.68 -10.66
N THR A 203 21.26 -11.53 -10.69
CA THR A 203 21.99 -11.08 -9.51
C THR A 203 21.80 -9.58 -9.32
N MET A 204 21.46 -9.17 -8.11
CA MET A 204 21.28 -7.76 -7.82
C MET A 204 22.24 -7.39 -6.69
N THR A 205 23.20 -6.54 -7.02
CA THR A 205 24.21 -6.12 -6.04
C THR A 205 24.05 -4.66 -5.64
N ILE A 206 23.87 -4.45 -4.34
CA ILE A 206 23.73 -3.12 -3.76
C ILE A 206 25.08 -2.77 -3.15
N VAL A 207 25.74 -1.77 -3.73
CA VAL A 207 27.05 -1.33 -3.26
C VAL A 207 26.97 0.08 -2.65
N GLY A 208 26.94 0.14 -1.33
CA GLY A 208 26.84 1.44 -0.67
C GLY A 208 25.44 1.97 -0.83
N GLY A 209 25.27 3.28 -0.83
CA GLY A 209 23.94 3.85 -0.95
C GLY A 209 23.30 4.13 0.41
N ILE A 210 22.42 5.13 0.46
CA ILE A 210 21.72 5.55 1.67
C ILE A 210 20.21 5.47 1.35
N ALA A 211 19.46 4.69 2.12
CA ALA A 211 18.03 4.56 1.84
C ALA A 211 17.17 5.08 2.97
N HIS A 212 16.55 6.23 2.73
CA HIS A 212 15.69 6.87 3.71
C HIS A 212 14.20 6.62 3.47
N ASN A 213 13.46 6.48 4.56
CA ASN A 213 12.04 6.28 4.49
C ASN A 213 11.31 6.82 5.73
N ALA A 214 10.14 7.40 5.51
CA ALA A 214 9.33 7.93 6.59
C ALA A 214 7.99 7.21 6.49
N LYS A 215 7.42 6.86 7.63
CA LYS A 215 6.13 6.17 7.70
C LYS A 215 5.00 7.15 7.39
N ASP A 223 6.52 -0.84 4.06
CA ASP A 223 7.74 -0.45 3.36
C ASP A 223 8.61 -1.66 3.02
N LYS A 224 9.18 -1.64 1.82
CA LYS A 224 10.06 -2.70 1.35
C LYS A 224 11.27 -2.04 0.73
N VAL A 225 12.47 -2.41 1.16
CA VAL A 225 13.67 -1.82 0.58
C VAL A 225 14.08 -2.66 -0.62
N LEU A 226 14.50 -3.91 -0.38
CA LEU A 226 14.89 -4.79 -1.47
C LEU A 226 13.85 -5.91 -1.64
N GLN A 227 13.18 -5.90 -2.80
CA GLN A 227 12.15 -6.89 -3.15
C GLN A 227 12.76 -7.88 -4.11
N HIS A 228 12.66 -9.16 -3.80
CA HIS A 228 13.23 -10.23 -4.63
C HIS A 228 12.10 -11.09 -5.18
N ASN A 229 11.85 -11.00 -6.49
CA ASN A 229 10.78 -11.76 -7.13
C ASN A 229 11.24 -12.88 -8.06
N SER A 230 12.40 -12.70 -8.68
CA SER A 230 12.93 -13.74 -9.59
C SER A 230 13.41 -14.94 -8.75
N LYS A 231 13.55 -16.10 -9.41
CA LYS A 231 13.98 -17.32 -8.73
C LYS A 231 15.37 -17.73 -9.21
N ASN A 232 16.07 -18.53 -8.42
CA ASN A 232 17.43 -18.99 -8.77
C ASN A 232 18.31 -17.76 -8.92
N SER A 233 18.04 -16.74 -8.12
CA SER A 233 18.74 -15.48 -8.17
C SER A 233 19.26 -15.02 -6.82
N THR A 234 20.20 -14.09 -6.84
CA THR A 234 20.83 -13.58 -5.64
C THR A 234 20.80 -12.08 -5.45
N THR A 235 20.69 -11.65 -4.20
CA THR A 235 20.71 -10.24 -3.85
C THR A 235 21.87 -10.04 -2.87
N VAL A 236 22.84 -9.23 -3.28
CA VAL A 236 24.01 -8.94 -2.47
C VAL A 236 23.99 -7.51 -1.95
N VAL A 237 24.29 -7.36 -0.66
CA VAL A 237 24.33 -6.06 -0.02
C VAL A 237 25.70 -5.86 0.63
N LYS A 238 26.39 -4.79 0.21
CA LYS A 238 27.71 -4.49 0.73
C LYS A 238 28.00 -3.00 0.60
N GLY A 239 29.22 -2.60 0.95
CA GLY A 239 29.59 -1.20 0.87
C GLY A 239 28.91 -0.41 1.97
N ASN A 240 28.40 -1.14 2.96
CA ASN A 240 27.71 -0.57 4.11
C ASN A 240 26.46 0.22 3.70
N PHE A 241 25.62 -0.43 2.90
CA PHE A 241 24.34 0.14 2.45
C PHE A 241 23.65 0.58 3.74
N THR A 242 23.22 1.85 3.80
CA THR A 242 22.61 2.37 5.02
C THR A 242 21.16 2.78 4.93
N LEU A 243 20.34 2.27 5.84
CA LEU A 243 18.92 2.61 5.90
C LEU A 243 18.71 3.56 7.06
N THR A 244 17.96 4.62 6.82
CA THR A 244 17.67 5.61 7.85
C THR A 244 16.16 5.79 7.87
N GLY A 245 15.64 6.32 8.98
CA GLY A 245 14.20 6.54 9.09
C GLY A 245 13.43 5.34 9.61
N GLU A 246 12.29 5.06 8.99
CA GLU A 246 11.45 3.94 9.40
C GLU A 246 11.27 2.98 8.24
N HIS A 247 11.59 1.71 8.47
CA HIS A 247 11.46 0.72 7.41
C HIS A 247 10.70 -0.56 7.78
N GLY A 248 10.26 -1.31 6.77
CA GLY A 248 9.57 -2.57 7.01
C GLY A 248 10.64 -3.65 7.06
N LYS A 249 11.09 -4.10 5.89
CA LYS A 249 12.14 -5.10 5.80
C LYS A 249 13.25 -4.59 4.88
N LEU A 250 14.48 -5.01 5.14
CA LEU A 250 15.59 -4.61 4.30
C LEU A 250 15.47 -5.44 3.02
N TRP A 251 15.18 -6.73 3.22
CA TRP A 251 15.02 -7.67 2.11
C TRP A 251 13.91 -8.67 2.39
N ARG A 252 13.15 -8.94 1.35
CA ARG A 252 12.06 -9.89 1.43
C ARG A 252 11.91 -10.73 0.16
N SER A 253 12.03 -12.04 0.32
CA SER A 253 11.81 -12.95 -0.81
C SER A 253 10.29 -12.95 -0.89
N CYS A 254 9.75 -12.47 -2.01
CA CYS A 254 8.32 -12.38 -2.20
C CYS A 254 7.54 -13.53 -1.57
N GLY A 255 6.61 -13.16 -0.69
CA GLY A 255 5.81 -14.16 0.01
C GLY A 255 4.58 -14.67 -0.72
N ASP A 256 3.93 -13.81 -1.51
CA ASP A 256 2.71 -14.19 -2.21
C ASP A 256 2.65 -13.82 -3.69
N CYS A 257 3.79 -13.85 -4.37
CA CYS A 257 3.84 -13.50 -5.79
C CYS A 257 3.09 -14.46 -6.70
N SER A 258 2.64 -13.95 -7.84
CA SER A 258 1.96 -14.79 -8.83
C SER A 258 3.08 -15.63 -9.41
N ASN A 259 2.88 -16.94 -9.43
CA ASN A 259 3.90 -17.87 -9.90
C ASN A 259 5.07 -17.73 -8.92
N ASN A 260 4.75 -17.88 -7.63
CA ASN A 260 5.76 -17.78 -6.58
C ASN A 260 6.51 -19.10 -6.48
N GLY A 261 7.75 -19.01 -5.99
CA GLY A 261 8.57 -20.18 -5.85
C GLY A 261 9.95 -19.74 -5.41
N GLY A 262 10.92 -20.63 -5.53
CA GLY A 262 12.29 -20.32 -5.14
C GLY A 262 13.29 -21.14 -5.93
N PRO A 263 14.55 -21.20 -5.50
CA PRO A 263 15.03 -20.51 -4.30
C PRO A 263 15.49 -19.09 -4.56
N ARG A 264 15.53 -18.29 -3.50
CA ARG A 264 15.97 -16.91 -3.60
C ARG A 264 17.05 -16.70 -2.54
N PHE A 265 18.15 -16.07 -2.94
CA PHE A 265 19.26 -15.86 -2.01
C PHE A 265 19.58 -14.42 -1.67
N LEU A 266 19.98 -14.23 -0.42
CA LEU A 266 20.38 -12.93 0.09
C LEU A 266 21.72 -13.13 0.76
N THR A 267 22.65 -12.21 0.50
CA THR A 267 23.96 -12.24 1.12
C THR A 267 24.26 -10.81 1.52
N VAL A 268 24.28 -10.58 2.83
CA VAL A 268 24.60 -9.27 3.35
C VAL A 268 25.99 -9.38 3.95
N THR A 269 26.93 -8.58 3.46
CA THR A 269 28.27 -8.60 4.04
C THR A 269 28.61 -7.30 4.74
N SER A 270 27.85 -6.26 4.46
CA SER A 270 28.07 -4.94 5.04
C SER A 270 26.85 -4.05 4.86
N ALA A 271 26.27 -3.62 5.98
CA ALA A 271 25.09 -2.77 5.97
C ALA A 271 24.83 -2.19 7.35
N THR A 272 24.11 -1.07 7.39
CA THR A 272 23.79 -0.38 8.63
C THR A 272 22.35 0.13 8.61
N VAL A 273 21.65 -0.03 9.73
CA VAL A 273 20.27 0.46 9.87
C VAL A 273 20.31 1.49 10.99
N ASN A 274 20.22 2.76 10.62
CA ASN A 274 20.25 3.83 11.60
C ASN A 274 18.84 4.41 11.72
N GLY A 275 17.96 3.60 12.29
CA GLY A 275 16.58 3.99 12.49
C GLY A 275 15.82 2.74 12.92
N THR A 276 14.50 2.73 12.74
CA THR A 276 13.70 1.57 13.12
C THR A 276 13.33 0.72 11.90
N ILE A 277 13.30 -0.58 12.10
CA ILE A 277 12.96 -1.52 11.04
C ILE A 277 12.22 -2.71 11.68
N ASP A 278 11.20 -3.23 11.00
CA ASP A 278 10.43 -4.36 11.53
C ASP A 278 11.23 -5.66 11.55
N SER A 279 12.02 -5.87 10.50
CA SER A 279 12.91 -7.03 10.38
C SER A 279 13.88 -6.82 9.22
N ILE A 280 14.94 -7.60 9.21
CA ILE A 280 15.96 -7.50 8.17
C ILE A 280 15.65 -8.34 6.94
N ALA A 281 15.56 -9.66 7.12
CA ALA A 281 15.28 -10.56 6.03
C ALA A 281 14.08 -11.49 6.22
N GLY A 282 13.38 -11.74 5.12
CA GLY A 282 12.23 -12.62 5.13
C GLY A 282 12.44 -13.68 4.07
N VAL A 283 12.66 -14.92 4.51
CA VAL A 283 12.87 -16.03 3.60
C VAL A 283 11.69 -17.00 3.62
N ASN A 284 11.40 -17.59 2.46
CA ASN A 284 10.35 -18.60 2.36
C ASN A 284 11.12 -19.89 2.51
N ARG A 285 10.99 -20.57 3.63
CA ARG A 285 11.75 -21.80 3.79
C ARG A 285 11.25 -22.97 2.96
N ASN A 286 9.93 -23.04 2.77
CA ASN A 286 9.32 -24.10 1.98
C ASN A 286 9.78 -24.03 0.53
N TYR A 287 10.27 -22.86 0.11
CA TYR A 287 10.75 -22.67 -1.25
C TYR A 287 12.27 -22.79 -1.41
N GLY A 288 12.99 -23.04 -0.32
CA GLY A 288 14.44 -23.20 -0.39
C GLY A 288 15.30 -21.94 -0.29
N ASP A 289 14.69 -20.83 0.09
CA ASP A 289 15.42 -19.56 0.23
C ASP A 289 16.52 -19.60 1.27
N VAL A 290 17.60 -18.89 1.01
CA VAL A 290 18.67 -18.81 1.99
C VAL A 290 19.17 -17.38 2.13
N ALA A 291 19.14 -16.90 3.37
CA ALA A 291 19.60 -15.56 3.70
C ALA A 291 20.87 -15.67 4.53
N THR A 292 21.99 -15.17 4.02
CA THR A 292 23.23 -15.19 4.79
C THR A 292 23.59 -13.73 5.15
N ILE A 293 23.65 -13.47 6.45
CA ILE A 293 23.91 -12.13 6.97
C ILE A 293 25.07 -11.95 7.96
N SER A 294 26.05 -11.15 7.55
CA SER A 294 27.20 -10.83 8.40
C SER A 294 27.53 -9.36 8.18
N GLY A 295 28.31 -8.78 9.10
CA GLY A 295 28.69 -7.37 8.96
C GLY A 295 27.56 -6.37 9.02
N LEU A 296 26.51 -6.69 9.77
CA LEU A 296 25.36 -5.80 9.91
C LEU A 296 25.36 -5.06 11.24
N LYS A 297 25.17 -3.75 11.17
CA LYS A 297 25.11 -2.91 12.36
C LYS A 297 23.72 -2.30 12.45
N ILE A 298 23.15 -2.32 13.65
CA ILE A 298 21.80 -1.80 13.86
C ILE A 298 21.75 -0.91 15.10
N LYS A 299 21.21 0.28 14.90
CA LYS A 299 21.05 1.27 15.96
C LYS A 299 20.34 0.64 17.15
N ASN A 300 20.97 0.73 18.32
CA ASN A 300 20.39 0.19 19.56
C ASN A 300 19.93 -1.27 19.43
N TYR A 301 20.70 -2.08 18.70
CA TYR A 301 20.34 -3.48 18.51
C TYR A 301 20.28 -4.28 19.80
N LYS A 302 19.26 -5.13 19.88
CA LYS A 302 19.04 -6.01 21.02
C LYS A 302 18.30 -7.22 20.47
N GLU A 303 18.56 -8.38 21.05
CA GLU A 303 17.90 -9.64 20.66
C GLU A 303 16.42 -9.39 20.33
N GLY A 304 16.00 -9.82 19.14
CA GLY A 304 14.61 -9.62 18.75
C GLY A 304 14.15 -8.18 18.58
N LYS A 305 15.07 -7.22 18.72
CA LYS A 305 14.72 -5.81 18.58
C LYS A 305 15.73 -5.11 17.67
N PRO A 306 15.54 -5.22 16.34
CA PRO A 306 14.47 -5.94 15.66
C PRO A 306 14.86 -7.38 15.30
N PRO A 307 13.89 -8.20 14.85
CA PRO A 307 14.26 -9.56 14.47
C PRO A 307 15.12 -9.43 13.20
N VAL A 308 16.12 -10.28 13.06
CA VAL A 308 16.96 -10.21 11.88
C VAL A 308 16.43 -11.06 10.74
N CYS A 309 16.65 -12.38 10.82
CA CYS A 309 16.21 -13.29 9.79
C CYS A 309 14.96 -14.05 10.22
N GLU A 310 13.89 -13.91 9.45
CA GLU A 310 12.66 -14.61 9.77
C GLU A 310 12.23 -15.54 8.66
N GLU A 311 11.73 -16.71 9.06
CA GLU A 311 11.27 -17.71 8.11
C GLU A 311 9.76 -17.67 7.95
N PHE A 312 9.31 -17.70 6.69
CA PHE A 312 7.89 -17.66 6.36
C PHE A 312 7.52 -18.86 5.51
N LYS A 313 6.23 -18.97 5.24
CA LYS A 313 5.72 -19.99 4.34
C LYS A 313 5.34 -19.18 3.11
N GLY A 314 5.94 -19.49 1.97
CA GLY A 314 5.59 -18.78 0.76
C GLY A 314 4.39 -19.44 0.12
N VAL A 315 3.56 -18.66 -0.55
CA VAL A 315 2.37 -19.16 -1.23
C VAL A 315 2.29 -18.54 -2.62
N VAL A 316 1.49 -19.17 -3.48
CA VAL A 316 1.28 -18.64 -4.83
C VAL A 316 0.06 -17.74 -4.68
N LYS A 317 0.08 -16.61 -5.35
CA LYS A 317 -1.03 -15.65 -5.30
C LYS A 317 -2.38 -16.34 -5.47
N GLY A 318 -3.27 -16.14 -4.50
CA GLY A 318 -4.58 -16.75 -4.53
C GLY A 318 -4.70 -18.08 -3.82
N GLN A 319 -3.61 -18.83 -3.76
CA GLN A 319 -3.60 -20.15 -3.12
C GLN A 319 -3.28 -20.11 -1.62
N GLY A 320 -3.72 -19.06 -0.94
CA GLY A 320 -3.46 -18.96 0.50
C GLY A 320 -2.82 -17.65 0.94
N SER A 321 -2.37 -17.61 2.18
CA SER A 321 -1.72 -16.43 2.73
C SER A 321 -0.37 -16.83 3.32
N THR A 322 0.54 -15.87 3.43
CA THR A 322 1.87 -16.14 3.98
C THR A 322 1.87 -16.06 5.49
N GLU A 323 2.34 -17.12 6.13
CA GLU A 323 2.41 -17.13 7.59
C GLU A 323 3.86 -17.02 8.03
N LYS A 324 4.08 -16.30 9.13
CA LYS A 324 5.41 -16.11 9.68
C LYS A 324 5.69 -17.20 10.71
N TYR A 325 6.86 -17.83 10.60
CA TYR A 325 7.28 -18.88 11.53
C TYR A 325 8.02 -18.23 12.71
N GLY A 326 8.82 -17.21 12.41
CA GLY A 326 9.57 -16.53 13.46
C GLY A 326 11.02 -16.25 13.14
N GLU A 327 11.70 -15.60 14.07
CA GLU A 327 13.11 -15.30 13.88
C GLU A 327 13.92 -16.56 14.11
N LYS A 328 14.96 -16.74 13.29
CA LYS A 328 15.81 -17.92 13.37
C LYS A 328 17.26 -17.54 13.22
N TRP A 329 18.12 -18.36 13.82
CA TRP A 329 19.56 -18.19 13.79
C TRP A 329 20.18 -19.54 13.45
N ASP A 330 21.16 -19.51 12.56
CA ASP A 330 21.88 -20.70 12.14
C ASP A 330 20.98 -21.88 11.69
N THR A 331 20.04 -21.59 10.80
CA THR A 331 19.18 -22.65 10.28
C THR A 331 19.50 -22.80 8.79
N THR A 332 18.91 -23.81 8.16
CA THR A 332 19.14 -24.08 6.75
C THR A 332 18.76 -22.92 5.85
N ASN A 333 17.73 -22.16 6.25
CA ASN A 333 17.28 -21.03 5.45
C ASN A 333 17.74 -19.66 5.98
N CYS A 334 18.12 -19.62 7.26
CA CYS A 334 18.60 -18.41 7.90
C CYS A 334 20.04 -18.59 8.39
N LYS A 335 21.01 -18.43 7.49
CA LYS A 335 22.42 -18.60 7.84
C LYS A 335 23.06 -17.33 8.40
N VAL A 336 22.74 -17.05 9.66
CA VAL A 336 23.26 -15.89 10.36
C VAL A 336 23.41 -16.20 11.85
N SER A 337 24.63 -15.98 12.35
CA SER A 337 24.96 -16.18 13.76
C SER A 337 24.84 -14.82 14.45
N ARG A 338 24.59 -14.82 15.74
CA ARG A 338 24.48 -13.57 16.49
C ARG A 338 25.78 -12.76 16.42
N SER A 339 26.85 -13.43 16.00
CA SER A 339 28.15 -12.80 15.83
C SER A 339 28.14 -11.85 14.63
N GLY A 340 27.27 -12.13 13.67
CA GLY A 340 27.18 -11.32 12.46
C GLY A 340 26.38 -10.03 12.58
N VAL A 341 25.76 -9.80 13.72
CA VAL A 341 24.95 -8.62 13.97
C VAL A 341 25.44 -7.98 15.26
N SER A 342 25.54 -6.66 15.27
CA SER A 342 25.99 -5.93 16.44
C SER A 342 25.37 -4.54 16.51
N LYS A 343 25.40 -3.93 17.69
CA LYS A 343 24.84 -2.59 17.85
C LYS A 343 25.74 -1.54 17.24
N LEU A 344 25.12 -0.62 16.50
CA LEU A 344 25.84 0.48 15.86
C LEU A 344 26.46 1.38 16.92
N ALA B 20 -34.35 -12.38 -16.96
CA ALA B 20 -34.20 -11.72 -15.64
C ALA B 20 -33.81 -12.74 -14.57
N GLN B 21 -33.03 -12.29 -13.59
CA GLN B 21 -32.55 -13.17 -12.52
C GLN B 21 -32.21 -12.40 -11.24
N THR B 22 -32.41 -13.03 -10.09
CA THR B 22 -32.12 -12.44 -8.79
C THR B 22 -31.23 -13.36 -7.97
N THR B 23 -30.12 -12.82 -7.48
CA THR B 23 -29.18 -13.59 -6.67
C THR B 23 -29.17 -13.07 -5.25
N LEU B 24 -29.45 -13.96 -4.30
CA LEU B 24 -29.50 -13.59 -2.90
C LEU B 24 -28.32 -14.17 -2.12
N MET B 25 -27.81 -13.36 -1.19
CA MET B 25 -26.70 -13.75 -0.32
C MET B 25 -27.09 -13.34 1.08
N LEU B 26 -26.58 -14.07 2.06
CA LEU B 26 -26.89 -13.80 3.45
C LEU B 26 -25.62 -13.64 4.31
N SER B 27 -25.72 -12.83 5.36
CA SER B 27 -24.61 -12.61 6.26
C SER B 27 -25.16 -12.32 7.65
N GLN B 28 -24.81 -13.17 8.62
CA GLN B 28 -25.28 -13.00 10.00
C GLN B 28 -24.22 -12.34 10.89
N LYS B 29 -24.69 -11.44 11.76
CA LYS B 29 -23.80 -10.71 12.67
C LYS B 29 -24.54 -10.26 13.92
N SER B 30 -24.18 -10.84 15.06
CA SER B 30 -24.76 -10.51 16.36
C SER B 30 -26.28 -10.72 16.42
N ASP B 31 -26.72 -11.95 16.14
CA ASP B 31 -28.14 -12.31 16.14
C ASP B 31 -29.00 -11.48 15.19
N VAL B 32 -28.47 -11.21 14.00
CA VAL B 32 -29.16 -10.46 12.97
C VAL B 32 -28.75 -10.99 11.60
N ASN B 33 -29.75 -11.42 10.82
CA ASN B 33 -29.51 -11.95 9.47
C ASN B 33 -29.69 -10.84 8.43
N TYR B 34 -28.59 -10.51 7.77
CA TYR B 34 -28.60 -9.48 6.74
C TYR B 34 -28.71 -10.12 5.37
N LEU B 35 -29.68 -9.64 4.59
CA LEU B 35 -29.87 -10.17 3.25
C LEU B 35 -29.38 -9.14 2.24
N GLY B 36 -28.71 -9.64 1.21
CA GLY B 36 -28.20 -8.76 0.18
C GLY B 36 -28.42 -9.46 -1.13
N TRP B 37 -29.04 -8.76 -2.09
CA TRP B 37 -29.29 -9.35 -3.41
C TRP B 37 -29.05 -8.37 -4.55
N SER B 38 -28.95 -8.93 -5.75
CA SER B 38 -28.78 -8.15 -6.96
C SER B 38 -29.75 -8.76 -7.96
N THR B 39 -30.33 -7.90 -8.80
CA THR B 39 -31.25 -8.35 -9.81
C THR B 39 -31.07 -7.46 -11.04
N ASP B 40 -31.34 -8.03 -12.20
CA ASP B 40 -31.21 -7.31 -13.45
C ASP B 40 -32.61 -7.02 -14.01
N GLU B 41 -33.61 -7.12 -13.16
CA GLU B 41 -34.99 -6.86 -13.54
C GLU B 41 -35.16 -5.34 -13.68
N SER B 42 -35.81 -4.92 -14.77
CA SER B 42 -36.03 -3.51 -15.08
C SER B 42 -37.05 -2.77 -14.21
N LYS B 43 -38.29 -2.66 -14.68
CA LYS B 43 -39.35 -1.96 -13.97
C LYS B 43 -39.77 -2.61 -12.65
N VAL B 44 -38.94 -2.50 -11.63
CA VAL B 44 -39.27 -3.09 -10.33
C VAL B 44 -40.38 -2.29 -9.67
N ALA B 45 -41.45 -3.00 -9.29
CA ALA B 45 -42.60 -2.39 -8.61
C ALA B 45 -42.39 -2.50 -7.12
N ARG B 46 -42.05 -3.70 -6.67
CA ARG B 46 -41.81 -4.01 -5.26
C ARG B 46 -40.89 -5.22 -5.13
N GLN B 47 -40.52 -5.55 -3.89
CA GLN B 47 -39.64 -6.69 -3.61
C GLN B 47 -40.12 -7.38 -2.34
N GLU B 48 -40.31 -8.69 -2.42
CA GLU B 48 -40.83 -9.44 -1.29
C GLU B 48 -39.84 -10.39 -0.66
N VAL B 49 -39.80 -10.36 0.66
CA VAL B 49 -38.92 -11.21 1.43
C VAL B 49 -39.73 -12.36 2.01
N TYR B 50 -39.29 -13.57 1.72
CA TYR B 50 -39.92 -14.78 2.23
C TYR B 50 -38.96 -15.47 3.16
N ARG B 51 -39.49 -15.95 4.29
CA ARG B 51 -38.68 -16.65 5.27
C ARG B 51 -39.42 -17.86 5.80
N GLY B 52 -38.70 -18.97 5.89
CA GLY B 52 -39.30 -20.18 6.41
C GLY B 52 -38.34 -20.76 7.44
N THR B 53 -38.85 -21.68 8.26
CA THR B 53 -38.00 -22.33 9.26
C THR B 53 -37.50 -23.64 8.70
N THR B 54 -37.91 -23.93 7.46
CA THR B 54 -37.50 -25.14 6.72
C THR B 54 -37.17 -24.71 5.29
N SER B 55 -36.53 -25.59 4.52
CA SER B 55 -36.16 -25.26 3.14
C SER B 55 -37.30 -25.40 2.14
N ASN B 56 -38.44 -25.89 2.60
CA ASN B 56 -39.61 -26.07 1.73
C ASN B 56 -40.23 -24.76 1.28
N PRO B 57 -40.18 -24.47 -0.03
CA PRO B 57 -40.74 -23.24 -0.58
C PRO B 57 -42.25 -23.13 -0.38
N ASP B 58 -42.91 -24.27 -0.15
CA ASP B 58 -44.35 -24.27 0.07
C ASP B 58 -44.73 -23.82 1.49
N LEU B 59 -43.74 -23.69 2.36
CA LEU B 59 -43.99 -23.26 3.73
C LEU B 59 -43.43 -21.89 4.09
N ARG B 60 -42.73 -21.25 3.14
CA ARG B 60 -42.16 -19.93 3.39
C ARG B 60 -43.27 -18.89 3.57
N GLU B 61 -43.02 -17.92 4.43
CA GLU B 61 -43.99 -16.86 4.69
C GLU B 61 -43.43 -15.49 4.35
N ARG B 62 -44.25 -14.66 3.72
CA ARG B 62 -43.85 -13.30 3.35
C ARG B 62 -43.82 -12.42 4.59
N ILE B 63 -42.61 -12.08 5.04
CA ILE B 63 -42.46 -11.24 6.23
C ILE B 63 -42.22 -9.76 5.96
N ALA B 64 -42.18 -9.37 4.69
CA ALA B 64 -41.97 -7.97 4.30
C ALA B 64 -42.14 -7.70 2.81
N VAL B 65 -42.68 -6.51 2.51
CA VAL B 65 -42.89 -6.02 1.17
C VAL B 65 -42.09 -4.72 1.18
N LEU B 66 -41.05 -4.65 0.37
CA LEU B 66 -40.17 -3.48 0.34
C LEU B 66 -40.34 -2.66 -0.91
N ASP B 67 -39.74 -1.47 -0.92
CA ASP B 67 -39.81 -0.60 -2.07
C ASP B 67 -39.07 -1.23 -3.25
N ALA B 68 -38.92 -0.47 -4.33
CA ALA B 68 -38.26 -0.96 -5.53
C ALA B 68 -36.76 -0.67 -5.60
N GLU B 69 -36.24 0.14 -4.68
CA GLU B 69 -34.82 0.52 -4.68
C GLU B 69 -33.84 -0.22 -3.76
N THR B 70 -34.30 -0.67 -2.60
CA THR B 70 -33.38 -1.37 -1.71
C THR B 70 -32.85 -2.68 -2.31
N ARG B 71 -31.65 -3.06 -1.89
CA ARG B 71 -31.04 -4.30 -2.35
C ARG B 71 -30.52 -5.06 -1.12
N THR B 72 -30.97 -4.61 0.05
CA THR B 72 -30.60 -5.21 1.33
C THR B 72 -31.78 -5.27 2.29
N PHE B 73 -31.69 -6.15 3.29
CA PHE B 73 -32.75 -6.32 4.27
C PHE B 73 -32.21 -6.84 5.61
N LYS B 74 -32.73 -6.30 6.70
CA LYS B 74 -32.34 -6.66 8.07
C LYS B 74 -33.46 -7.42 8.79
N ASP B 75 -33.10 -8.51 9.45
CA ASP B 75 -34.06 -9.32 10.18
C ASP B 75 -33.43 -9.90 11.43
N ALA B 76 -34.04 -9.59 12.59
CA ALA B 76 -33.57 -10.06 13.89
C ALA B 76 -34.08 -11.47 14.17
N LEU B 82 -32.75 -22.97 15.89
CA LEU B 82 -33.68 -22.58 14.84
C LEU B 82 -32.97 -21.91 13.67
N ASN B 83 -33.09 -22.52 12.49
CA ASN B 83 -32.46 -21.99 11.29
C ASN B 83 -33.50 -21.42 10.32
N TYR B 84 -33.13 -20.35 9.64
CA TYR B 84 -34.04 -19.71 8.71
C TYR B 84 -33.61 -19.88 7.25
N TRP B 85 -34.61 -19.87 6.37
CA TRP B 85 -34.36 -19.97 4.94
C TRP B 85 -35.02 -18.72 4.37
N TYR B 86 -34.28 -18.02 3.52
CA TYR B 86 -34.80 -16.78 2.95
C TYR B 86 -34.84 -16.79 1.44
N TRP B 87 -35.82 -16.06 0.92
CA TRP B 87 -36.02 -15.90 -0.52
C TRP B 87 -36.45 -14.46 -0.76
N VAL B 88 -35.97 -13.89 -1.85
CA VAL B 88 -36.39 -12.55 -2.21
C VAL B 88 -37.06 -12.59 -3.57
N ASP B 89 -38.31 -12.13 -3.62
CA ASP B 89 -39.07 -12.10 -4.86
C ASP B 89 -39.11 -10.68 -5.43
N VAL B 90 -38.37 -10.46 -6.52
CA VAL B 90 -38.31 -9.18 -7.19
C VAL B 90 -39.45 -9.12 -8.18
N VAL B 91 -40.43 -8.26 -7.91
CA VAL B 91 -41.61 -8.14 -8.75
C VAL B 91 -41.58 -6.90 -9.63
N SER B 92 -41.68 -7.12 -10.94
CA SER B 92 -41.67 -6.02 -11.91
C SER B 92 -43.04 -5.42 -12.14
N GLU B 93 -43.08 -4.43 -13.03
CA GLU B 93 -44.30 -3.69 -13.37
C GLU B 93 -45.44 -4.55 -13.91
N ASN B 94 -45.12 -5.46 -14.83
CA ASN B 94 -46.11 -6.36 -15.42
C ASN B 94 -46.49 -7.46 -14.42
N GLN B 95 -46.21 -7.22 -13.14
CA GLN B 95 -46.49 -8.17 -12.06
C GLN B 95 -45.69 -9.48 -12.19
N ALA B 96 -44.61 -9.42 -12.96
CA ALA B 96 -43.73 -10.58 -13.17
C ALA B 96 -42.85 -10.79 -11.94
N GLN B 97 -42.73 -12.05 -11.52
CA GLN B 97 -41.94 -12.39 -10.36
C GLN B 97 -40.61 -13.05 -10.71
N VAL B 98 -39.54 -12.51 -10.15
CA VAL B 98 -38.19 -13.04 -10.35
C VAL B 98 -37.68 -13.46 -8.98
N VAL B 99 -37.96 -14.72 -8.63
CA VAL B 99 -37.57 -15.26 -7.35
C VAL B 99 -36.09 -15.63 -7.32
N SER B 100 -35.44 -15.33 -6.20
CA SER B 100 -34.03 -15.63 -6.02
C SER B 100 -33.84 -17.06 -5.56
N ASN B 101 -32.58 -17.39 -5.35
CA ASN B 101 -32.19 -18.69 -4.83
C ASN B 101 -32.52 -18.60 -3.35
N ALA B 102 -32.38 -19.70 -2.63
CA ALA B 102 -32.64 -19.68 -1.20
C ALA B 102 -31.31 -19.49 -0.49
N VAL B 103 -31.38 -18.91 0.70
CA VAL B 103 -30.20 -18.70 1.52
C VAL B 103 -30.61 -19.08 2.95
N THR B 104 -29.67 -19.63 3.71
CA THR B 104 -29.99 -20.06 5.07
C THR B 104 -28.85 -19.84 6.07
N THR B 105 -29.24 -19.66 7.33
CA THR B 105 -28.28 -19.44 8.42
C THR B 105 -27.42 -20.67 8.67
N ALA B 106 -28.01 -21.85 8.51
CA ALA B 106 -27.33 -23.12 8.70
C ALA B 106 -26.13 -23.30 7.76
N SER B 119 -18.21 -16.81 -12.56
CA SER B 119 -17.54 -17.62 -11.50
C SER B 119 -16.02 -17.53 -11.60
N GLU B 120 -15.54 -16.69 -12.54
CA GLU B 120 -14.11 -16.48 -12.75
C GLU B 120 -13.57 -15.32 -11.92
N CYS B 121 -14.16 -15.12 -10.75
CA CYS B 121 -13.76 -14.05 -9.84
C CYS B 121 -12.74 -14.60 -8.86
N LYS B 122 -11.46 -14.40 -9.16
CA LYS B 122 -10.38 -14.85 -8.29
C LYS B 122 -9.50 -13.65 -7.93
N PRO B 123 -8.99 -13.61 -6.68
CA PRO B 123 -8.14 -12.51 -6.23
C PRO B 123 -7.01 -12.15 -7.20
N GLY B 124 -6.84 -10.85 -7.43
CA GLY B 124 -5.83 -10.36 -8.33
C GLY B 124 -6.39 -10.08 -9.70
N ALA B 125 -7.62 -10.54 -9.95
CA ALA B 125 -8.29 -10.37 -11.25
C ALA B 125 -8.47 -8.90 -11.66
N THR B 126 -8.86 -8.71 -12.93
CA THR B 126 -9.08 -7.39 -13.49
C THR B 126 -10.15 -7.47 -14.58
N PHE B 127 -11.24 -6.75 -14.40
CA PHE B 127 -12.32 -6.76 -15.38
C PHE B 127 -12.39 -5.43 -16.10
N GLU B 128 -12.53 -5.47 -17.42
CA GLU B 128 -12.59 -4.25 -18.22
C GLU B 128 -13.75 -4.22 -19.20
N ASN B 129 -14.47 -3.10 -19.20
CA ASN B 129 -15.61 -2.86 -20.10
C ASN B 129 -16.67 -3.97 -20.13
N ARG B 130 -17.02 -4.49 -18.95
CA ARG B 130 -18.00 -5.57 -18.85
C ARG B 130 -18.56 -5.78 -17.45
N THR B 131 -19.66 -6.52 -17.38
CA THR B 131 -20.30 -6.85 -16.13
C THR B 131 -19.96 -8.30 -15.80
N VAL B 132 -19.53 -8.56 -14.58
CA VAL B 132 -19.17 -9.92 -14.17
C VAL B 132 -19.96 -10.40 -12.95
N ASP B 133 -20.54 -11.60 -13.05
CA ASP B 133 -21.31 -12.19 -11.97
C ASP B 133 -20.50 -13.30 -11.32
N CYS B 134 -20.23 -13.15 -10.03
CA CYS B 134 -19.46 -14.14 -9.29
C CYS B 134 -20.33 -15.20 -8.62
N GLY B 135 -21.63 -15.14 -8.87
CA GLY B 135 -22.57 -16.12 -8.32
C GLY B 135 -22.51 -16.37 -6.82
N GLY B 136 -22.18 -15.35 -6.04
CA GLY B 136 -22.11 -15.51 -4.59
C GLY B 136 -20.91 -16.24 -4.03
N VAL B 137 -19.85 -16.40 -4.84
CA VAL B 137 -18.65 -17.09 -4.38
C VAL B 137 -17.85 -16.25 -3.40
N THR B 138 -17.07 -16.91 -2.56
CA THR B 138 -16.25 -16.24 -1.57
C THR B 138 -14.79 -16.26 -1.98
N ILE B 139 -14.19 -15.08 -2.11
CA ILE B 139 -12.78 -14.98 -2.47
C ILE B 139 -12.03 -14.22 -1.39
N GLY B 140 -10.70 -14.22 -1.50
CA GLY B 140 -9.86 -13.54 -0.55
C GLY B 140 -8.39 -13.89 -0.71
N THR B 141 -7.56 -13.32 0.16
CA THR B 141 -6.12 -13.56 0.16
C THR B 141 -5.63 -13.50 1.60
N SER B 142 -5.31 -12.31 2.07
CA SER B 142 -4.82 -12.11 3.43
C SER B 142 -5.12 -10.70 3.93
N CYS B 143 -4.88 -10.47 5.21
CA CYS B 143 -5.11 -9.17 5.82
C CYS B 143 -4.24 -8.98 7.07
N PRO B 144 -2.97 -8.57 6.87
CA PRO B 144 -2.01 -8.35 7.95
C PRO B 144 -2.38 -7.14 8.81
N LYS B 151 -3.27 -4.03 -1.42
CA LYS B 151 -3.43 -4.68 -2.71
C LYS B 151 -4.88 -5.10 -2.99
N PRO B 152 -5.42 -4.67 -4.14
CA PRO B 152 -6.79 -4.97 -4.57
C PRO B 152 -7.06 -6.41 -4.99
N LEU B 153 -8.16 -6.97 -4.50
CA LEU B 153 -8.58 -8.34 -4.82
C LEU B 153 -9.20 -8.32 -6.22
N ILE B 154 -9.91 -7.23 -6.52
CA ILE B 154 -10.57 -7.09 -7.81
C ILE B 154 -10.30 -5.68 -8.34
N ILE B 155 -9.91 -5.58 -9.61
CA ILE B 155 -9.66 -4.30 -10.23
C ILE B 155 -10.70 -4.12 -11.32
N LEU B 156 -11.37 -2.98 -11.29
CA LEU B 156 -12.38 -2.70 -12.28
C LEU B 156 -11.94 -1.52 -13.12
N LYS B 157 -12.10 -1.65 -14.44
CA LYS B 157 -11.77 -0.58 -15.36
C LYS B 157 -13.02 -0.50 -16.24
N ASN B 158 -13.86 0.48 -15.97
CA ASN B 158 -15.13 0.66 -16.69
C ASN B 158 -15.93 -0.65 -16.68
N ALA B 159 -15.85 -1.36 -15.55
CA ALA B 159 -16.53 -2.64 -15.41
C ALA B 159 -17.42 -2.75 -14.17
N THR B 160 -18.18 -3.83 -14.12
CA THR B 160 -19.09 -4.11 -13.00
C THR B 160 -18.82 -5.51 -12.42
N VAL B 161 -18.96 -5.63 -11.11
CA VAL B 161 -18.82 -6.91 -10.41
C VAL B 161 -20.07 -7.02 -9.52
N LYS B 162 -20.65 -8.21 -9.44
CA LYS B 162 -21.86 -8.41 -8.65
C LYS B 162 -21.90 -9.76 -7.95
N ASN B 163 -22.55 -9.79 -6.80
CA ASN B 163 -22.72 -11.01 -6.00
C ASN B 163 -21.37 -11.59 -5.66
N LEU B 164 -20.72 -10.99 -4.65
CA LEU B 164 -19.42 -11.43 -4.22
C LEU B 164 -19.27 -11.19 -2.73
N ARG B 165 -18.68 -12.17 -2.04
CA ARG B 165 -18.44 -12.06 -0.63
C ARG B 165 -16.92 -11.99 -0.49
N ILE B 166 -16.47 -11.10 0.38
CA ILE B 166 -15.04 -10.93 0.64
C ILE B 166 -14.81 -11.56 2.01
N SER B 167 -13.97 -12.60 2.05
CA SER B 167 -13.65 -13.31 3.28
C SER B 167 -13.14 -12.37 4.39
N ALA B 168 -13.49 -12.69 5.63
CA ALA B 168 -13.10 -11.89 6.79
C ALA B 168 -11.59 -11.89 7.08
N SER B 169 -10.89 -12.89 6.56
CA SER B 169 -9.45 -12.98 6.76
C SER B 169 -8.66 -12.53 5.53
N GLY B 170 -9.28 -12.61 4.35
CA GLY B 170 -8.61 -12.21 3.12
C GLY B 170 -9.03 -10.89 2.50
N GLY B 171 -9.36 -9.91 3.35
CA GLY B 171 -9.79 -8.59 2.89
C GLY B 171 -8.86 -7.82 1.94
N ALA B 172 -7.60 -7.63 2.35
CA ALA B 172 -6.61 -6.89 1.55
C ALA B 172 -7.09 -5.46 1.30
N ASP B 173 -6.91 -4.95 0.09
CA ASP B 173 -7.37 -3.58 -0.17
C ASP B 173 -8.70 -3.54 -0.91
N GLY B 174 -9.51 -4.57 -0.69
CA GLY B 174 -10.83 -4.66 -1.28
C GLY B 174 -10.94 -4.55 -2.79
N ILE B 175 -11.92 -3.76 -3.23
CA ILE B 175 -12.13 -3.57 -4.66
C ILE B 175 -11.67 -2.20 -5.14
N HIS B 176 -11.09 -2.16 -6.33
CA HIS B 176 -10.58 -0.94 -6.91
C HIS B 176 -11.26 -0.54 -8.22
N CYS B 177 -11.58 0.74 -8.35
CA CYS B 177 -12.16 1.27 -9.58
C CYS B 177 -11.03 2.13 -10.12
N ASP B 178 -10.24 1.59 -11.05
CA ASP B 178 -9.10 2.32 -11.57
C ASP B 178 -9.27 3.17 -12.80
N SER B 179 -10.45 3.11 -13.43
CA SER B 179 -10.74 3.93 -14.60
C SER B 179 -12.19 3.84 -15.03
N GLY B 180 -12.69 4.95 -15.55
CA GLY B 180 -14.07 4.99 -16.00
C GLY B 180 -15.12 4.82 -14.93
N ASN B 181 -16.18 4.12 -15.30
CA ASN B 181 -17.29 3.87 -14.40
C ASN B 181 -17.34 2.43 -13.94
N CYS B 182 -17.33 2.25 -12.63
CA CYS B 182 -17.41 0.92 -12.05
C CYS B 182 -18.68 0.81 -11.23
N THR B 183 -19.12 -0.43 -11.03
CA THR B 183 -20.28 -0.74 -10.23
C THR B 183 -19.95 -1.98 -9.40
N ILE B 184 -20.05 -1.80 -8.09
CA ILE B 184 -19.79 -2.85 -7.11
C ILE B 184 -21.20 -3.14 -6.57
N GLU B 185 -21.78 -4.20 -7.11
CA GLU B 185 -23.15 -4.59 -6.82
C GLU B 185 -23.32 -5.84 -5.93
N ASN B 186 -23.95 -5.64 -4.77
CA ASN B 186 -24.18 -6.72 -3.82
C ASN B 186 -22.89 -7.44 -3.45
N VAL B 187 -21.97 -6.69 -2.87
CA VAL B 187 -20.72 -7.26 -2.42
C VAL B 187 -20.82 -7.30 -0.91
N ILE B 188 -20.37 -8.41 -0.31
CA ILE B 188 -20.42 -8.53 1.13
C ILE B 188 -19.03 -8.55 1.73
N TRP B 189 -18.76 -7.60 2.61
CA TRP B 189 -17.46 -7.52 3.27
C TRP B 189 -17.62 -8.11 4.66
N GLU B 190 -17.20 -9.36 4.82
CA GLU B 190 -17.30 -10.04 6.11
C GLU B 190 -16.53 -9.28 7.18
N ASP B 191 -15.44 -8.65 6.76
CA ASP B 191 -14.61 -7.85 7.64
C ASP B 191 -13.66 -7.04 6.77
N ILE B 192 -13.88 -5.72 6.74
CA ILE B 192 -13.05 -4.84 5.94
C ILE B 192 -11.62 -4.81 6.45
N CYS B 193 -10.66 -4.92 5.52
CA CYS B 193 -9.24 -4.87 5.89
C CYS B 193 -8.80 -3.40 5.88
N GLU B 194 -8.15 -2.96 4.80
CA GLU B 194 -7.69 -1.57 4.69
C GLU B 194 -8.90 -0.65 4.40
N ASP B 195 -9.56 -0.90 3.26
CA ASP B 195 -10.75 -0.16 2.88
C ASP B 195 -11.61 -1.00 1.94
N ALA B 196 -12.92 -0.97 2.16
CA ALA B 196 -13.86 -1.74 1.37
C ALA B 196 -13.73 -1.54 -0.13
N ALA B 197 -13.71 -0.28 -0.58
CA ALA B 197 -13.58 0.06 -2.00
C ALA B 197 -12.94 1.43 -2.16
N THR B 198 -12.11 1.57 -3.18
CA THR B 198 -11.40 2.82 -3.44
C THR B 198 -11.68 3.28 -4.86
N ASN B 199 -12.01 4.56 -5.00
CA ASN B 199 -12.31 5.16 -6.29
C ASN B 199 -11.06 5.83 -6.87
N ASN B 200 -10.54 5.28 -7.97
CA ASN B 200 -9.39 5.84 -8.67
C ASN B 200 -9.87 6.00 -10.12
N GLY B 201 -11.19 6.03 -10.29
CA GLY B 201 -11.76 6.16 -11.61
C GLY B 201 -12.57 7.43 -11.77
N LYS B 202 -13.55 7.39 -12.67
CA LYS B 202 -14.41 8.53 -12.96
C LYS B 202 -15.69 8.47 -12.13
N THR B 203 -16.22 7.27 -11.93
CA THR B 203 -17.43 7.06 -11.15
C THR B 203 -17.43 5.66 -10.53
N MET B 204 -17.56 5.57 -9.21
CA MET B 204 -17.62 4.30 -8.52
C MET B 204 -18.97 4.20 -7.79
N THR B 205 -19.84 3.32 -8.27
CA THR B 205 -21.18 3.13 -7.72
C THR B 205 -21.34 1.86 -6.89
N ILE B 206 -21.74 2.05 -5.63
CA ILE B 206 -21.97 0.95 -4.71
C ILE B 206 -23.47 0.70 -4.67
N VAL B 207 -23.91 -0.43 -5.21
CA VAL B 207 -25.33 -0.75 -5.24
C VAL B 207 -25.62 -1.87 -4.24
N GLY B 208 -26.20 -1.51 -3.10
CA GLY B 208 -26.48 -2.51 -2.10
C GLY B 208 -25.21 -3.04 -1.44
N GLY B 209 -25.27 -4.27 -0.95
CA GLY B 209 -24.12 -4.85 -0.27
C GLY B 209 -24.09 -4.58 1.23
N ILE B 210 -23.44 -5.47 1.96
CA ILE B 210 -23.30 -5.35 3.41
C ILE B 210 -21.81 -5.27 3.73
N ALA B 211 -21.43 -4.31 4.56
CA ALA B 211 -20.03 -4.14 4.92
C ALA B 211 -19.85 -4.16 6.43
N HIS B 212 -19.25 -5.24 6.92
CA HIS B 212 -18.98 -5.41 8.32
C HIS B 212 -17.52 -5.13 8.65
N ASN B 213 -17.30 -4.59 9.85
CA ASN B 213 -15.95 -4.32 10.33
C ASN B 213 -15.96 -4.34 11.85
N ALA B 214 -14.82 -4.73 12.43
CA ALA B 214 -14.67 -4.82 13.87
C ALA B 214 -13.30 -4.30 14.32
N ASP B 223 -11.07 2.98 10.79
CA ASP B 223 -11.03 2.29 9.50
C ASP B 223 -11.84 3.07 8.46
N LYS B 224 -11.50 2.90 7.19
CA LYS B 224 -12.21 3.57 6.11
C LYS B 224 -12.98 2.60 5.21
N VAL B 225 -14.23 2.92 4.94
CA VAL B 225 -15.05 2.08 4.08
C VAL B 225 -14.75 2.44 2.63
N LEU B 226 -15.18 3.62 2.19
CA LEU B 226 -14.94 4.04 0.83
C LEU B 226 -13.86 5.14 0.79
N GLN B 227 -12.79 4.87 0.06
CA GLN B 227 -11.69 5.82 -0.09
C GLN B 227 -11.81 6.39 -1.50
N HIS B 228 -11.75 7.72 -1.61
CA HIS B 228 -11.87 8.40 -2.89
C HIS B 228 -10.56 9.16 -3.12
N ASN B 229 -9.75 8.67 -4.05
CA ASN B 229 -8.44 9.27 -4.33
C ASN B 229 -8.35 10.06 -5.63
N SER B 230 -9.12 9.65 -6.64
CA SER B 230 -9.09 10.36 -7.92
C SER B 230 -9.77 11.72 -7.83
N LYS B 231 -9.55 12.55 -8.84
CA LYS B 231 -10.13 13.89 -8.86
C LYS B 231 -11.15 14.03 -9.97
N ASN B 232 -12.07 14.99 -9.80
CA ASN B 232 -13.14 15.27 -10.74
C ASN B 232 -13.89 13.96 -11.00
N SER B 233 -14.16 13.25 -9.91
CA SER B 233 -14.85 11.97 -9.92
C SER B 233 -15.95 11.88 -8.86
N THR B 234 -16.85 10.91 -9.02
CA THR B 234 -17.96 10.74 -8.10
C THR B 234 -18.15 9.30 -7.58
N THR B 235 -18.38 9.20 -6.26
CA THR B 235 -18.65 7.90 -5.64
C THR B 235 -20.12 7.99 -5.26
N VAL B 236 -20.91 7.03 -5.75
CA VAL B 236 -22.35 6.99 -5.47
C VAL B 236 -22.70 5.79 -4.59
N VAL B 237 -23.59 6.02 -3.62
CA VAL B 237 -24.03 4.95 -2.74
C VAL B 237 -25.54 4.85 -2.84
N LYS B 238 -26.03 3.68 -3.24
CA LYS B 238 -27.47 3.44 -3.41
C LYS B 238 -27.81 2.00 -3.02
N GLY B 239 -29.05 1.59 -3.29
CA GLY B 239 -29.49 0.23 -2.98
C GLY B 239 -29.49 -0.14 -1.50
N ASN B 240 -29.46 0.89 -0.65
CA ASN B 240 -29.45 0.70 0.79
C ASN B 240 -28.24 -0.09 1.29
N PHE B 241 -27.06 0.33 0.82
CA PHE B 241 -25.78 -0.27 1.23
C PHE B 241 -25.79 -0.16 2.74
N THR B 242 -25.52 -1.28 3.41
CA THR B 242 -25.56 -1.34 4.87
C THR B 242 -24.23 -1.65 5.56
N LEU B 243 -23.96 -0.92 6.63
CA LEU B 243 -22.76 -1.10 7.43
C LEU B 243 -23.11 -1.69 8.80
N THR B 244 -22.32 -2.68 9.20
CA THR B 244 -22.50 -3.36 10.48
C THR B 244 -21.17 -3.37 11.23
N GLY B 245 -21.25 -3.32 12.55
CA GLY B 245 -20.04 -3.30 13.36
C GLY B 245 -19.53 -1.91 13.62
N GLU B 246 -18.21 -1.79 13.78
CA GLU B 246 -17.59 -0.48 14.04
C GLU B 246 -16.94 0.03 12.77
N HIS B 247 -17.13 1.32 12.52
CA HIS B 247 -16.57 1.94 11.33
C HIS B 247 -16.06 3.35 11.62
N GLY B 248 -15.01 3.74 10.88
CA GLY B 248 -14.45 5.07 11.02
C GLY B 248 -15.21 6.07 10.17
N LYS B 249 -15.11 5.93 8.85
CA LYS B 249 -15.80 6.83 7.93
C LYS B 249 -16.39 6.06 6.76
N LEU B 250 -17.63 6.39 6.40
CA LEU B 250 -18.26 5.73 5.26
C LEU B 250 -17.52 6.17 3.99
N TRP B 251 -17.25 7.47 3.88
CA TRP B 251 -16.55 8.01 2.72
C TRP B 251 -15.54 9.07 3.12
N ARG B 252 -14.41 9.08 2.44
CA ARG B 252 -13.39 10.06 2.73
C ARG B 252 -12.65 10.46 1.48
N SER B 253 -12.67 11.76 1.22
CA SER B 253 -11.93 12.32 0.11
C SER B 253 -10.55 12.43 0.75
N CYS B 254 -9.55 11.82 0.14
CA CYS B 254 -8.20 11.84 0.70
C CYS B 254 -7.79 13.21 1.22
N GLY B 255 -7.44 13.28 2.50
CA GLY B 255 -7.06 14.53 3.12
C GLY B 255 -5.59 14.97 3.02
N ASP B 256 -4.67 14.01 2.90
CA ASP B 256 -3.25 14.35 2.83
C ASP B 256 -2.49 13.57 1.78
N CYS B 257 -3.20 13.11 0.76
CA CYS B 257 -2.60 12.34 -0.33
C CYS B 257 -1.43 13.00 -1.02
N SER B 258 -0.67 12.18 -1.72
CA SER B 258 0.43 12.65 -2.52
C SER B 258 -0.31 13.15 -3.75
N ASN B 259 0.15 14.25 -4.34
CA ASN B 259 -0.50 14.80 -5.52
C ASN B 259 -1.99 15.06 -5.25
N ASN B 260 -2.29 15.54 -4.04
CA ASN B 260 -3.66 15.80 -3.64
C ASN B 260 -4.36 16.90 -4.43
N GLY B 261 -5.68 16.89 -4.32
CA GLY B 261 -6.51 17.88 -4.99
C GLY B 261 -7.95 17.40 -5.09
N GLY B 262 -8.67 17.99 -6.02
CA GLY B 262 -10.06 17.64 -6.22
C GLY B 262 -10.54 18.27 -7.51
N PRO B 263 -11.85 18.46 -7.68
CA PRO B 263 -12.91 18.12 -6.71
C PRO B 263 -13.29 16.63 -6.66
N ARG B 264 -13.69 16.18 -5.49
CA ARG B 264 -14.14 14.80 -5.32
C ARG B 264 -15.57 14.87 -4.83
N PHE B 265 -16.46 14.09 -5.45
CA PHE B 265 -17.86 14.10 -5.10
C PHE B 265 -18.40 12.78 -4.53
N LEU B 266 -19.34 12.91 -3.60
CA LEU B 266 -20.00 11.78 -2.99
C LEU B 266 -21.50 12.03 -3.09
N THR B 267 -22.24 10.99 -3.46
CA THR B 267 -23.68 11.10 -3.53
C THR B 267 -24.29 9.86 -2.89
N VAL B 268 -24.82 10.05 -1.70
CA VAL B 268 -25.49 8.98 -0.99
C VAL B 268 -26.98 9.19 -1.21
N THR B 269 -27.64 8.20 -1.79
CA THR B 269 -29.07 8.31 -2.05
C THR B 269 -29.86 7.29 -1.22
N SER B 270 -29.18 6.24 -0.76
CA SER B 270 -29.81 5.19 0.05
C SER B 270 -28.74 4.35 0.73
N ALA B 271 -28.74 4.38 2.06
CA ALA B 271 -27.76 3.63 2.84
C ALA B 271 -28.17 3.53 4.30
N THR B 272 -27.70 2.48 4.96
CA THR B 272 -28.00 2.24 6.36
C THR B 272 -26.75 1.87 7.17
N VAL B 273 -26.64 2.45 8.36
CA VAL B 273 -25.53 2.17 9.25
C VAL B 273 -26.17 1.55 10.48
N ASN B 274 -26.13 0.23 10.55
CA ASN B 274 -26.70 -0.49 11.69
C ASN B 274 -25.53 -0.85 12.61
N GLY B 275 -25.00 0.18 13.25
CA GLY B 275 -23.86 0.02 14.14
C GLY B 275 -23.35 1.39 14.50
N THR B 276 -22.05 1.51 14.74
CA THR B 276 -21.45 2.80 15.08
C THR B 276 -20.44 3.25 14.05
N ILE B 277 -20.34 4.57 13.87
CA ILE B 277 -19.41 5.14 12.92
C ILE B 277 -18.94 6.51 13.41
N ASP B 278 -17.67 6.83 13.16
CA ASP B 278 -17.10 8.12 13.57
C ASP B 278 -17.77 9.25 12.82
N SER B 279 -17.79 9.15 11.50
CA SER B 279 -18.44 10.15 10.65
C SER B 279 -18.84 9.54 9.33
N ILE B 280 -19.77 10.20 8.65
CA ILE B 280 -20.27 9.73 7.37
C ILE B 280 -19.38 10.14 6.23
N ALA B 281 -19.15 11.44 6.09
CA ALA B 281 -18.34 11.96 5.00
C ALA B 281 -17.28 12.99 5.41
N GLY B 282 -16.16 12.98 4.67
CA GLY B 282 -15.09 13.92 4.91
C GLY B 282 -14.72 14.61 3.61
N VAL B 283 -15.07 15.88 3.48
CA VAL B 283 -14.78 16.64 2.26
C VAL B 283 -13.70 17.72 2.46
N ASN B 284 -12.88 17.91 1.42
CA ASN B 284 -11.85 18.95 1.44
C ASN B 284 -12.46 20.18 0.76
N ARG B 285 -13.00 21.08 1.56
CA ARG B 285 -13.63 22.29 1.04
C ARG B 285 -12.73 23.12 0.12
N ASN B 286 -11.44 23.20 0.43
CA ASN B 286 -10.48 23.97 -0.38
C ASN B 286 -10.18 23.37 -1.76
N TYR B 287 -10.64 22.15 -1.98
CA TYR B 287 -10.44 21.47 -3.26
C TYR B 287 -11.73 21.38 -4.08
N GLY B 288 -12.82 21.93 -3.54
CA GLY B 288 -14.10 21.92 -4.25
C GLY B 288 -14.96 20.67 -4.10
N ASP B 289 -14.61 19.80 -3.15
CA ASP B 289 -15.38 18.58 -2.92
C ASP B 289 -16.81 18.92 -2.51
N VAL B 290 -17.74 18.09 -2.93
CA VAL B 290 -19.15 18.26 -2.58
C VAL B 290 -19.74 16.90 -2.22
N ALA B 291 -20.33 16.82 -1.04
CA ALA B 291 -20.97 15.59 -0.59
C ALA B 291 -22.46 15.86 -0.52
N THR B 292 -23.23 15.03 -1.22
CA THR B 292 -24.68 15.14 -1.23
C THR B 292 -25.16 13.93 -0.48
N ILE B 293 -26.02 14.13 0.52
CA ILE B 293 -26.53 13.01 1.29
C ILE B 293 -28.03 13.05 1.58
N SER B 294 -28.73 12.04 1.07
CA SER B 294 -30.16 11.87 1.30
C SER B 294 -30.44 10.37 1.39
N GLY B 295 -31.54 10.00 2.03
CA GLY B 295 -31.92 8.60 2.17
C GLY B 295 -31.02 7.79 3.10
N LEU B 296 -30.42 8.46 4.08
CA LEU B 296 -29.54 7.78 5.04
C LEU B 296 -30.25 7.47 6.34
N LYS B 297 -30.06 6.24 6.82
CA LYS B 297 -30.64 5.77 8.06
C LYS B 297 -29.50 5.34 8.98
N ILE B 298 -29.46 5.90 10.19
CA ILE B 298 -28.43 5.56 11.15
C ILE B 298 -29.05 5.04 12.44
N LYS B 299 -28.51 3.94 12.97
CA LYS B 299 -29.03 3.36 14.19
C LYS B 299 -28.76 4.31 15.35
N ASN B 300 -29.79 4.56 16.15
CA ASN B 300 -29.70 5.44 17.32
C ASN B 300 -29.13 6.81 16.95
N TYR B 301 -29.51 7.32 15.79
CA TYR B 301 -29.01 8.61 15.32
C TYR B 301 -29.31 9.75 16.30
N LYS B 302 -28.34 10.65 16.42
CA LYS B 302 -28.43 11.83 17.27
C LYS B 302 -27.56 12.93 16.65
N GLU B 303 -28.03 14.17 16.69
CA GLU B 303 -27.29 15.29 16.12
C GLU B 303 -25.90 15.36 16.72
N GLY B 304 -24.89 15.07 15.91
CA GLY B 304 -23.52 15.08 16.39
C GLY B 304 -23.04 13.68 16.71
N LYS B 305 -23.99 12.76 16.88
CA LYS B 305 -23.66 11.36 17.19
C LYS B 305 -24.36 10.43 16.20
N PRO B 306 -23.70 10.14 15.06
CA PRO B 306 -22.38 10.68 14.73
C PRO B 306 -22.50 11.86 13.80
N PRO B 307 -21.40 12.61 13.61
CA PRO B 307 -21.47 13.76 12.70
C PRO B 307 -21.61 13.20 11.27
N VAL B 308 -22.42 13.86 10.45
CA VAL B 308 -22.62 13.38 9.08
C VAL B 308 -21.56 13.92 8.11
N CYS B 309 -21.74 15.15 7.64
CA CYS B 309 -20.78 15.74 6.73
C CYS B 309 -19.84 16.67 7.47
N GLU B 310 -18.54 16.40 7.34
CA GLU B 310 -17.51 17.21 7.99
C GLU B 310 -16.57 17.82 6.98
N GLU B 311 -16.30 19.11 7.16
CA GLU B 311 -15.41 19.85 6.27
C GLU B 311 -14.00 19.90 6.83
N PHE B 312 -13.03 19.77 5.93
CA PHE B 312 -11.63 19.79 6.29
C PHE B 312 -10.89 20.65 5.29
N LYS B 313 -9.62 20.89 5.58
CA LYS B 313 -8.74 21.62 4.68
C LYS B 313 -7.78 20.53 4.24
N GLY B 314 -7.81 20.20 2.94
CA GLY B 314 -6.92 19.16 2.43
C GLY B 314 -5.56 19.73 2.07
N VAL B 315 -4.54 18.89 2.12
CA VAL B 315 -3.20 19.33 1.78
C VAL B 315 -2.46 18.30 0.94
N VAL B 316 -1.47 18.77 0.19
CA VAL B 316 -0.63 17.88 -0.59
C VAL B 316 0.36 17.39 0.47
N LYS B 317 0.65 16.09 0.46
CA LYS B 317 1.56 15.48 1.43
C LYS B 317 2.85 16.29 1.62
N GLY B 318 3.08 16.73 2.85
CA GLY B 318 4.27 17.49 3.16
C GLY B 318 4.21 18.99 2.91
N GLN B 319 3.10 19.45 2.32
CA GLN B 319 2.93 20.88 2.03
C GLN B 319 1.80 21.46 2.87
N GLY B 320 2.08 21.69 4.14
CA GLY B 320 1.07 22.22 5.04
C GLY B 320 0.40 21.10 5.80
N SER B 321 -0.57 21.46 6.65
CA SER B 321 -1.27 20.47 7.47
C SER B 321 -2.80 20.53 7.38
N THR B 322 -3.43 19.37 7.56
CA THR B 322 -4.89 19.24 7.51
C THR B 322 -5.54 19.99 8.68
N GLU B 323 -6.73 20.53 8.43
CA GLU B 323 -7.48 21.26 9.45
C GLU B 323 -8.94 20.85 9.36
N LYS B 324 -9.47 20.41 10.50
CA LYS B 324 -10.85 19.98 10.59
C LYS B 324 -11.76 21.12 10.99
N TYR B 325 -12.68 21.49 10.09
CA TYR B 325 -13.63 22.56 10.35
C TYR B 325 -14.86 22.02 11.09
N GLY B 326 -14.97 20.71 11.17
CA GLY B 326 -16.09 20.09 11.86
C GLY B 326 -17.32 19.83 10.99
N GLU B 327 -18.43 19.50 11.66
CA GLU B 327 -19.68 19.20 10.97
C GLU B 327 -20.32 20.44 10.36
N LYS B 328 -20.95 20.25 9.21
CA LYS B 328 -21.63 21.32 8.51
C LYS B 328 -22.90 20.78 7.89
N TRP B 329 -23.88 21.67 7.69
CA TRP B 329 -25.16 21.28 7.09
C TRP B 329 -25.50 22.30 6.00
N ASP B 330 -25.95 21.79 4.85
CA ASP B 330 -26.37 22.63 3.73
C ASP B 330 -25.40 23.76 3.31
N THR B 331 -24.11 23.43 3.20
CA THR B 331 -23.10 24.39 2.73
C THR B 331 -22.75 24.01 1.29
N THR B 332 -21.90 24.78 0.62
CA THR B 332 -21.54 24.48 -0.76
C THR B 332 -20.77 23.18 -0.93
N ASN B 333 -20.18 22.69 0.16
CA ASN B 333 -19.41 21.45 0.12
C ASN B 333 -20.14 20.28 0.81
N CYS B 334 -21.06 20.60 1.70
CA CYS B 334 -21.84 19.62 2.43
C CYS B 334 -23.32 19.79 2.11
N LYS B 335 -23.74 19.34 0.94
CA LYS B 335 -25.13 19.45 0.52
C LYS B 335 -25.99 18.38 1.18
N VAL B 336 -26.21 18.54 2.48
CA VAL B 336 -27.01 17.60 3.24
C VAL B 336 -27.93 18.30 4.26
N SER B 337 -29.22 18.23 4.00
CA SER B 337 -30.24 18.79 4.91
C SER B 337 -30.46 17.74 5.99
N ARG B 338 -30.96 18.17 7.15
CA ARG B 338 -31.23 17.23 8.24
C ARG B 338 -32.36 16.28 7.83
N SER B 339 -33.16 16.71 6.86
CA SER B 339 -34.27 15.90 6.35
C SER B 339 -33.73 14.66 5.62
N GLY B 340 -32.49 14.75 5.14
CA GLY B 340 -31.87 13.64 4.44
C GLY B 340 -31.34 12.54 5.35
N VAL B 341 -31.31 12.81 6.66
CA VAL B 341 -30.84 11.82 7.63
C VAL B 341 -31.84 11.59 8.75
N SER B 342 -32.17 10.32 8.98
CA SER B 342 -33.10 9.95 10.03
C SER B 342 -32.59 8.75 10.78
N LYS B 343 -33.23 8.48 11.92
CA LYS B 343 -32.85 7.34 12.75
C LYS B 343 -33.43 6.05 12.18
N LEU B 344 -32.72 4.95 12.41
CA LEU B 344 -33.17 3.64 11.96
C LEU B 344 -34.16 3.12 13.01
#